data_7RUS
#
_entry.id   7RUS
#
_cell.length_a   54.411
_cell.length_b   79.456
_cell.length_c   119.063
_cell.angle_alpha   90.000
_cell.angle_beta   90.000
_cell.angle_gamma   90.000
#
_symmetry.space_group_name_H-M   'P 2 21 21'
#
loop_
_entity.id
_entity.type
_entity.pdbx_description
1 polymer 'DUF3107 domain-containing protein'
2 water water
#
_entity_poly.entity_id   1
_entity_poly.type   'polypeptide(L)'
_entity_poly.pdbx_seq_one_letter_code
;MEVKIGITDSPRELVFSSAQTPSEVEELVSNALRDDSGLLTLTDERGRRFLIHTARIAYVEIGVADARRVGFGVGVDAAA
GSAGKVATSG
;
_entity_poly.pdbx_strand_id   A,B,C,D,N,P,e,g
#
# COMPACT_ATOMS: atom_id res chain seq x y z
N MET A 1 13.14 -17.61 -20.15
CA MET A 1 12.65 -16.24 -20.42
C MET A 1 13.47 -15.30 -19.55
N GLU A 2 13.54 -14.04 -19.97
CA GLU A 2 14.25 -13.03 -19.25
C GLU A 2 13.42 -12.54 -18.11
N VAL A 3 14.11 -12.26 -17.00
CA VAL A 3 13.54 -11.57 -15.89
C VAL A 3 14.47 -10.39 -15.66
N LYS A 4 13.88 -9.19 -15.69
CA LYS A 4 14.57 -7.98 -15.32
C LYS A 4 13.94 -7.45 -14.04
N ILE A 5 14.77 -7.11 -13.05
CA ILE A 5 14.31 -6.55 -11.81
C ILE A 5 15.04 -5.24 -11.58
N GLY A 6 14.25 -4.16 -11.52
CA GLY A 6 14.75 -2.85 -11.20
C GLY A 6 14.74 -2.64 -9.71
N ILE A 7 15.84 -2.14 -9.18
CA ILE A 7 16.02 -1.94 -7.76
C ILE A 7 16.13 -0.43 -7.54
N THR A 8 15.27 0.11 -6.66
CA THR A 8 15.28 1.52 -6.32
C THR A 8 16.58 1.93 -5.62
N ASP A 9 17.12 3.08 -6.07
CA ASP A 9 18.37 3.70 -5.63
C ASP A 9 19.56 2.72 -5.74
N SER A 10 19.63 2.02 -6.87
CA SER A 10 20.71 1.09 -7.16
C SER A 10 20.94 1.07 -8.67
N PRO A 11 22.19 1.25 -9.14
CA PRO A 11 22.43 1.54 -10.56
C PRO A 11 22.16 0.31 -11.46
N ARG A 12 22.52 -0.90 -10.98
CA ARG A 12 22.36 -2.21 -11.67
C ARG A 12 20.88 -2.62 -11.75
N GLU A 13 20.47 -3.19 -12.89
CA GLU A 13 19.17 -3.76 -13.09
C GLU A 13 19.47 -5.27 -13.20
N LEU A 14 18.91 -6.06 -12.28
CA LEU A 14 19.17 -7.49 -12.29
C LEU A 14 18.51 -8.11 -13.50
N VAL A 15 19.26 -8.95 -14.23
CA VAL A 15 18.77 -9.62 -15.40
C VAL A 15 19.19 -11.07 -15.36
N PHE A 16 18.27 -12.00 -15.61
CA PHE A 16 18.67 -13.38 -15.75
C PHE A 16 17.67 -14.17 -16.55
N SER A 17 18.05 -15.40 -16.91
CA SER A 17 17.16 -16.33 -17.58
C SER A 17 16.57 -17.36 -16.63
N SER A 18 15.25 -17.49 -16.64
CA SER A 18 14.53 -18.36 -15.71
C SER A 18 14.19 -19.63 -16.43
N ALA A 19 14.38 -20.75 -15.75
CA ALA A 19 13.86 -22.06 -16.14
C ALA A 19 12.38 -22.24 -15.75
N GLN A 20 11.82 -21.29 -14.96
CA GLN A 20 10.44 -21.40 -14.52
C GLN A 20 9.51 -20.73 -15.53
N THR A 21 8.19 -20.84 -15.29
CA THR A 21 7.18 -20.29 -16.18
C THR A 21 6.88 -18.87 -15.76
N PRO A 22 6.40 -18.01 -16.68
CA PRO A 22 5.99 -16.66 -16.34
C PRO A 22 5.08 -16.67 -15.10
N SER A 23 4.19 -17.67 -14.99
CA SER A 23 3.25 -17.72 -13.88
C SER A 23 3.92 -18.00 -12.56
N GLU A 24 4.90 -18.91 -12.56
CA GLU A 24 5.63 -19.23 -11.33
C GLU A 24 6.34 -17.99 -10.79
N VAL A 25 7.05 -17.30 -11.68
CA VAL A 25 7.79 -16.11 -11.30
C VAL A 25 6.84 -15.00 -10.85
N GLU A 26 5.75 -14.80 -11.60
CA GLU A 26 4.74 -13.81 -11.23
C GLU A 26 4.15 -14.07 -9.85
N GLU A 27 3.80 -15.31 -9.54
CA GLU A 27 3.33 -15.68 -8.21
C GLU A 27 4.37 -15.30 -7.16
N LEU A 28 5.61 -15.76 -7.32
CA LEU A 28 6.67 -15.47 -6.32
C LEU A 28 6.82 -13.95 -6.06
N VAL A 29 6.84 -13.16 -7.14
CA VAL A 29 6.97 -11.72 -7.05
C VAL A 29 5.74 -11.05 -6.43
N SER A 30 4.56 -11.42 -6.94
CA SER A 30 3.29 -10.86 -6.48
C SER A 30 3.12 -11.09 -5.02
N ASN A 31 3.38 -12.32 -4.58
CA ASN A 31 3.30 -12.64 -3.17
C ASN A 31 4.21 -11.74 -2.37
N ALA A 32 5.47 -11.60 -2.80
CA ALA A 32 6.41 -10.77 -2.06
C ALA A 32 5.88 -9.32 -1.91
N LEU A 33 5.50 -8.71 -3.05
CA LEU A 33 5.00 -7.35 -3.06
C LEU A 33 3.69 -7.15 -2.25
N ARG A 34 2.72 -8.03 -2.48
CA ARG A 34 1.45 -7.98 -1.77
C ARG A 34 1.60 -8.17 -0.26
N ASP A 35 2.55 -9.02 0.17
CA ASP A 35 2.74 -9.26 1.60
C ASP A 35 3.81 -8.39 2.26
N ASP A 36 4.43 -7.47 1.51
CA ASP A 36 5.64 -6.75 1.96
C ASP A 36 6.66 -7.68 2.58
N SER A 37 6.92 -8.83 1.94
CA SER A 37 7.76 -9.89 2.51
C SER A 37 9.12 -9.28 2.67
N GLY A 38 9.92 -9.75 3.62
CA GLY A 38 11.23 -9.14 3.81
C GLY A 38 12.31 -9.46 2.75
N LEU A 39 11.99 -10.43 1.89
CA LEU A 39 12.92 -11.15 1.05
C LEU A 39 12.17 -11.84 -0.08
N LEU A 40 12.63 -11.64 -1.32
CA LEU A 40 12.16 -12.35 -2.49
C LEU A 40 13.34 -13.20 -3.02
N THR A 41 13.08 -14.47 -3.32
CA THR A 41 14.10 -15.38 -3.79
C THR A 41 13.77 -15.92 -5.16
N LEU A 42 14.67 -15.67 -6.12
CA LEU A 42 14.58 -16.20 -7.47
C LEU A 42 15.86 -16.96 -7.86
N THR A 43 15.70 -18.06 -8.60
CA THR A 43 16.82 -18.80 -9.13
C THR A 43 16.82 -18.80 -10.65
N ASP A 44 18.01 -18.79 -11.26
CA ASP A 44 18.05 -18.79 -12.70
C ASP A 44 18.32 -20.17 -13.25
N GLU A 45 18.38 -20.28 -14.58
CA GLU A 45 18.53 -21.58 -15.21
C GLU A 45 19.86 -22.26 -14.88
N ARG A 46 20.88 -21.50 -14.47
CA ARG A 46 22.23 -22.01 -14.13
C ARG A 46 22.35 -22.26 -12.63
N GLY A 47 21.33 -21.91 -11.83
CA GLY A 47 21.33 -22.10 -10.39
C GLY A 47 21.89 -20.96 -9.56
N ARG A 48 22.12 -19.80 -10.17
CA ARG A 48 22.42 -18.56 -9.44
C ARG A 48 21.20 -18.17 -8.62
N ARG A 49 21.42 -17.72 -7.37
CA ARG A 49 20.34 -17.31 -6.44
C ARG A 49 20.33 -15.80 -6.28
N PHE A 50 19.19 -15.16 -6.51
CA PHE A 50 18.99 -13.75 -6.24
C PHE A 50 18.07 -13.63 -5.05
N LEU A 51 18.60 -13.00 -4.00
CA LEU A 51 17.88 -12.66 -2.81
C LEU A 51 17.73 -11.17 -2.88
N ILE A 52 16.50 -10.69 -3.05
CA ILE A 52 16.20 -9.28 -3.22
C ILE A 52 15.40 -8.81 -2.03
N HIS A 53 15.69 -7.58 -1.60
CA HIS A 53 15.00 -6.94 -0.49
C HIS A 53 13.70 -6.36 -1.06
N THR A 54 12.57 -7.02 -0.83
CA THR A 54 11.29 -6.72 -1.49
C THR A 54 10.99 -5.22 -1.57
N ALA A 55 11.21 -4.54 -0.45
CA ALA A 55 10.86 -3.13 -0.33
C ALA A 55 11.64 -2.26 -1.31
N ARG A 56 12.84 -2.71 -1.69
CA ARG A 56 13.75 -2.03 -2.66
C ARG A 56 13.38 -2.34 -4.11
N ILE A 57 12.37 -3.18 -4.39
CA ILE A 57 11.98 -3.45 -5.76
C ILE A 57 11.21 -2.28 -6.37
N ALA A 58 11.66 -1.80 -7.54
CA ALA A 58 10.93 -0.84 -8.37
C ALA A 58 9.94 -1.59 -9.24
N TYR A 59 10.43 -2.55 -10.02
CA TYR A 59 9.58 -3.36 -10.93
C TYR A 59 10.24 -4.70 -11.22
N VAL A 60 9.45 -5.65 -11.69
CA VAL A 60 9.91 -6.83 -12.41
C VAL A 60 9.25 -6.89 -13.79
N GLU A 61 10.07 -7.01 -14.83
CA GLU A 61 9.63 -7.39 -16.17
C GLU A 61 9.91 -8.89 -16.34
N ILE A 62 8.83 -9.64 -16.61
CA ILE A 62 8.87 -11.03 -16.98
C ILE A 62 8.69 -11.11 -18.48
N GLY A 63 9.65 -11.74 -19.16
CA GLY A 63 9.61 -11.94 -20.58
C GLY A 63 8.59 -12.96 -20.97
N VAL A 64 8.39 -13.09 -22.28
CA VAL A 64 7.44 -14.05 -22.89
C VAL A 64 7.93 -15.51 -22.76
N ALA A 65 6.99 -16.45 -22.56
CA ALA A 65 7.30 -17.88 -22.32
C ALA A 65 8.20 -18.49 -23.39
N ASP A 66 8.96 -19.51 -22.97
CA ASP A 66 10.17 -20.10 -23.63
C ASP A 66 11.45 -19.57 -22.92
N MET B 1 32.66 -19.57 -4.80
CA MET B 1 31.64 -18.95 -5.67
C MET B 1 31.62 -17.45 -5.37
N GLU B 2 31.14 -16.70 -6.35
CA GLU B 2 31.02 -15.27 -6.23
C GLU B 2 29.80 -14.94 -5.44
N VAL B 3 29.93 -13.90 -4.61
CA VAL B 3 28.84 -13.28 -3.94
C VAL B 3 28.93 -11.82 -4.28
N LYS B 4 27.84 -11.31 -4.86
CA LYS B 4 27.70 -9.90 -5.15
C LYS B 4 26.59 -9.36 -4.29
N ILE B 5 26.85 -8.24 -3.61
CA ILE B 5 25.88 -7.58 -2.75
C ILE B 5 25.75 -6.15 -3.23
N GLY B 6 24.54 -5.80 -3.64
CA GLY B 6 24.18 -4.45 -4.01
C GLY B 6 23.72 -3.71 -2.77
N ILE B 7 24.23 -2.51 -2.60
CA ILE B 7 23.91 -1.68 -1.44
C ILE B 7 23.15 -0.47 -1.97
N THR B 8 21.96 -0.20 -1.41
CA THR B 8 21.16 0.94 -1.79
C THR B 8 21.86 2.26 -1.41
N ASP B 9 21.79 3.20 -2.37
CA ASP B 9 22.39 4.53 -2.33
C ASP B 9 23.91 4.45 -2.05
N SER B 10 24.58 3.52 -2.72
CA SER B 10 26.03 3.35 -2.60
C SER B 10 26.56 2.83 -3.93
N PRO B 11 27.48 3.57 -4.56
CA PRO B 11 27.97 3.17 -5.90
C PRO B 11 28.51 1.75 -6.03
N ARG B 12 29.44 1.43 -5.15
CA ARG B 12 30.15 0.11 -5.11
C ARG B 12 29.19 -1.07 -4.90
N GLU B 13 29.45 -2.18 -5.58
CA GLU B 13 28.74 -3.41 -5.42
C GLU B 13 29.78 -4.34 -4.82
N LEU B 14 29.52 -4.84 -3.62
CA LEU B 14 30.47 -5.69 -2.93
C LEU B 14 30.56 -7.01 -3.64
N VAL B 15 31.77 -7.47 -3.91
CA VAL B 15 32.00 -8.73 -4.59
C VAL B 15 33.08 -9.50 -3.86
N PHE B 16 32.85 -10.79 -3.59
CA PHE B 16 33.92 -11.60 -3.07
C PHE B 16 33.71 -13.07 -3.38
N SER B 17 34.74 -13.87 -3.12
CA SER B 17 34.69 -15.31 -3.27
C SER B 17 34.51 -15.98 -1.92
N SER B 18 33.49 -16.85 -1.83
CA SER B 18 33.15 -17.52 -0.59
C SER B 18 33.71 -18.90 -0.61
N ALA B 19 34.27 -19.31 0.52
CA ALA B 19 34.62 -20.72 0.79
C ALA B 19 33.41 -21.52 1.29
N GLN B 20 32.28 -20.85 1.55
CA GLN B 20 31.08 -21.53 2.06
C GLN B 20 30.22 -22.00 0.90
N THR B 21 29.13 -22.72 1.21
CA THR B 21 28.23 -23.27 0.20
C THR B 21 27.16 -22.24 -0.10
N PRO B 22 26.54 -22.30 -1.30
CA PRO B 22 25.44 -21.42 -1.63
C PRO B 22 24.39 -21.43 -0.51
N SER B 23 24.15 -22.58 0.10
CA SER B 23 23.13 -22.73 1.14
C SER B 23 23.49 -21.99 2.39
N GLU B 24 24.77 -22.08 2.80
CA GLU B 24 25.22 -21.38 4.01
C GLU B 24 25.03 -19.88 3.86
N VAL B 25 25.47 -19.35 2.71
CA VAL B 25 25.37 -17.93 2.46
C VAL B 25 23.92 -17.48 2.36
N GLU B 26 23.11 -18.27 1.65
CA GLU B 26 21.68 -17.98 1.55
C GLU B 26 20.99 -17.92 2.91
N GLU B 27 21.27 -18.89 3.78
CA GLU B 27 20.73 -18.86 5.13
C GLU B 27 21.14 -17.57 5.84
N LEU B 28 22.45 -17.27 5.89
CA LEU B 28 22.92 -16.06 6.57
C LEU B 28 22.21 -14.79 6.10
N VAL B 29 22.09 -14.65 4.77
CA VAL B 29 21.43 -13.49 4.17
C VAL B 29 19.92 -13.45 4.46
N SER B 30 19.26 -14.58 4.23
CA SER B 30 17.82 -14.70 4.40
C SER B 30 17.43 -14.40 5.82
N ASN B 31 18.17 -14.95 6.78
CA ASN B 31 17.94 -14.69 8.17
C ASN B 31 18.04 -13.20 8.45
N ALA B 32 19.11 -12.55 7.96
CA ALA B 32 19.27 -11.12 8.18
C ALA B 32 18.06 -10.32 7.66
N LEU B 33 17.70 -10.56 6.40
CA LEU B 33 16.57 -9.88 5.76
C LEU B 33 15.22 -10.15 6.48
N ARG B 34 14.89 -11.42 6.70
CA ARG B 34 13.67 -11.90 7.41
C ARG B 34 13.58 -11.25 8.79
N ASP B 35 14.68 -11.16 9.54
CA ASP B 35 14.65 -10.66 10.90
C ASP B 35 14.96 -9.16 11.05
N ASP B 36 15.16 -8.46 9.93
CA ASP B 36 15.65 -7.05 9.97
C ASP B 36 16.85 -6.89 10.87
N SER B 37 17.82 -7.79 10.77
CA SER B 37 18.93 -7.89 11.74
C SER B 37 19.64 -6.58 12.13
N GLY B 38 19.84 -5.69 11.17
CA GLY B 38 20.67 -4.54 11.47
C GLY B 38 22.17 -4.72 11.39
N LEU B 39 22.63 -5.97 11.25
CA LEU B 39 24.00 -6.31 10.82
C LEU B 39 24.01 -7.71 10.21
N LEU B 40 24.58 -7.82 9.00
CA LEU B 40 24.87 -9.07 8.33
C LEU B 40 26.38 -9.22 8.22
N THR B 41 26.90 -10.39 8.58
CA THR B 41 28.32 -10.66 8.53
C THR B 41 28.64 -11.79 7.56
N LEU B 42 29.47 -11.48 6.55
CA LEU B 42 30.00 -12.45 5.63
C LEU B 42 31.53 -12.41 5.57
N THR B 43 32.15 -13.59 5.45
CA THR B 43 33.59 -13.70 5.36
C THR B 43 33.97 -14.35 4.06
N ASP B 44 35.10 -13.93 3.49
CA ASP B 44 35.49 -14.49 2.21
C ASP B 44 36.55 -15.55 2.37
N GLU B 45 36.99 -16.14 1.25
CA GLU B 45 37.94 -17.24 1.31
C GLU B 45 39.31 -16.81 1.89
N ARG B 46 39.64 -15.51 1.87
CA ARG B 46 40.94 -14.98 2.39
C ARG B 46 40.76 -14.48 3.83
N GLY B 47 39.55 -14.48 4.37
CA GLY B 47 39.27 -13.99 5.71
C GLY B 47 38.95 -12.51 5.87
N ARG B 48 38.70 -11.83 4.76
CA ARG B 48 38.10 -10.46 4.78
C ARG B 48 36.70 -10.55 5.36
N ARG B 49 36.33 -9.58 6.20
CA ARG B 49 35.01 -9.49 6.85
C ARG B 49 34.19 -8.36 6.22
N PHE B 50 32.99 -8.67 5.78
CA PHE B 50 32.02 -7.69 5.35
C PHE B 50 30.93 -7.63 6.38
N LEU B 51 30.79 -6.47 7.00
CA LEU B 51 29.77 -6.16 7.97
C LEU B 51 28.87 -5.19 7.26
N ILE B 52 27.66 -5.62 6.91
CA ILE B 52 26.75 -4.85 6.09
C ILE B 52 25.53 -4.50 6.92
N HIS B 53 25.03 -3.29 6.72
CA HIS B 53 23.87 -2.78 7.42
C HIS B 53 22.64 -3.33 6.70
N THR B 54 22.00 -4.36 7.28
CA THR B 54 20.98 -5.16 6.56
C THR B 54 19.98 -4.32 5.79
N ALA B 55 19.52 -3.25 6.43
CA ALA B 55 18.49 -2.40 5.87
C ALA B 55 18.90 -1.74 4.56
N ARG B 56 20.21 -1.53 4.39
CA ARG B 56 20.84 -0.92 3.20
C ARG B 56 21.06 -1.97 2.09
N ILE B 57 20.76 -3.25 2.29
CA ILE B 57 20.92 -4.24 1.22
C ILE B 57 19.82 -4.11 0.16
N ALA B 58 20.24 -3.98 -1.11
CA ALA B 58 19.35 -4.05 -2.26
C ALA B 58 19.13 -5.50 -2.65
N TYR B 59 20.22 -6.22 -2.90
CA TYR B 59 20.16 -7.66 -3.29
C TYR B 59 21.46 -8.36 -2.94
N VAL B 60 21.41 -9.68 -2.89
CA VAL B 60 22.57 -10.56 -2.98
C VAL B 60 22.39 -11.54 -4.13
N GLU B 61 23.47 -11.71 -4.90
CA GLU B 61 23.52 -12.64 -6.02
C GLU B 61 24.60 -13.71 -5.74
N ILE B 62 24.16 -14.88 -5.30
CA ILE B 62 25.03 -16.00 -4.95
C ILE B 62 25.25 -16.79 -6.21
N GLY B 63 26.53 -16.93 -6.58
CA GLY B 63 26.89 -17.59 -7.81
C GLY B 63 26.71 -19.07 -7.67
N VAL B 64 26.89 -19.76 -8.80
CA VAL B 64 26.90 -21.23 -8.91
C VAL B 64 28.16 -21.84 -8.23
N ALA B 65 28.01 -23.02 -7.60
CA ALA B 65 29.08 -23.63 -6.78
C ALA B 65 30.37 -23.96 -7.57
N MET C 1 -2.04 25.56 -24.46
CA MET C 1 -0.97 26.12 -23.63
C MET C 1 -0.13 24.98 -23.10
N GLU C 2 1.11 25.30 -22.77
CA GLU C 2 2.04 24.35 -22.25
C GLU C 2 1.76 24.12 -20.80
N VAL C 3 1.92 22.86 -20.40
CA VAL C 3 1.92 22.48 -19.02
C VAL C 3 3.19 21.70 -18.85
N LYS C 4 4.02 22.16 -17.90
CA LYS C 4 5.23 21.45 -17.52
C LYS C 4 5.06 20.99 -16.10
N ILE C 5 5.33 19.71 -15.85
CA ILE C 5 5.23 19.13 -14.52
C ILE C 5 6.56 18.50 -14.18
N GLY C 6 7.17 19.00 -13.11
CA GLY C 6 8.40 18.46 -12.56
C GLY C 6 8.04 17.36 -11.58
N ILE C 7 8.74 16.23 -11.70
CA ILE C 7 8.53 15.09 -10.81
C ILE C 7 9.79 14.82 -9.99
N THR C 8 9.65 14.90 -8.67
CA THR C 8 10.78 14.68 -7.77
C THR C 8 11.37 13.27 -7.96
N ASP C 9 12.71 13.25 -7.97
CA ASP C 9 13.58 12.10 -8.17
C ASP C 9 13.23 11.36 -9.50
N SER C 10 13.04 12.15 -10.56
CA SER C 10 12.75 11.62 -11.88
C SER C 10 13.33 12.57 -12.92
N PRO C 11 14.21 12.07 -13.80
CA PRO C 11 14.86 12.97 -14.76
C PRO C 11 13.92 13.79 -15.65
N ARG C 12 13.00 13.09 -16.28
CA ARG C 12 12.00 13.65 -17.23
C ARG C 12 11.13 14.74 -16.57
N GLU C 13 10.84 15.79 -17.32
CA GLU C 13 9.90 16.82 -16.92
C GLU C 13 8.77 16.65 -17.90
N LEU C 14 7.56 16.34 -17.40
CA LEU C 14 6.42 16.09 -18.27
C LEU C 14 6.03 17.40 -18.92
N VAL C 15 5.84 17.39 -20.25
CA VAL C 15 5.45 18.57 -20.98
C VAL C 15 4.34 18.22 -21.95
N PHE C 16 3.27 19.01 -21.97
CA PHE C 16 2.28 18.78 -23.01
C PHE C 16 1.48 20.02 -23.28
N SER C 17 0.69 19.99 -24.35
CA SER C 17 -0.24 21.04 -24.71
C SER C 17 -1.65 20.68 -24.29
N SER C 18 -2.30 21.60 -23.56
CA SER C 18 -3.62 21.37 -23.02
C SER C 18 -4.61 22.06 -23.90
N ALA C 19 -5.73 21.38 -24.17
CA ALA C 19 -6.92 21.99 -24.76
C ALA C 19 -7.78 22.72 -23.72
N GLN C 20 -7.46 22.57 -22.43
CA GLN C 20 -8.23 23.19 -21.35
C GLN C 20 -7.69 24.58 -21.06
N THR C 21 -8.37 25.29 -20.14
CA THR C 21 -7.99 26.66 -19.78
C THR C 21 -7.00 26.59 -18.61
N PRO C 22 -6.16 27.63 -18.46
CA PRO C 22 -5.25 27.70 -17.30
C PRO C 22 -6.01 27.44 -16.01
N SER C 23 -7.26 27.93 -15.89
CA SER C 23 -8.04 27.75 -14.69
C SER C 23 -8.43 26.32 -14.44
N GLU C 24 -8.83 25.61 -15.48
CA GLU C 24 -9.20 24.19 -15.35
C GLU C 24 -8.03 23.38 -14.83
N VAL C 25 -6.86 23.59 -15.46
CA VAL C 25 -5.67 22.86 -15.07
C VAL C 25 -5.24 23.22 -13.66
N GLU C 26 -5.26 24.53 -13.34
CA GLU C 26 -4.95 24.99 -12.00
C GLU C 26 -5.83 24.36 -10.93
N GLU C 27 -7.14 24.32 -11.16
CA GLU C 27 -8.06 23.66 -10.25
C GLU C 27 -7.66 22.20 -10.06
N LEU C 28 -7.51 21.43 -11.16
CA LEU C 28 -7.14 20.02 -11.04
C LEU C 28 -5.89 19.77 -10.22
N VAL C 29 -4.85 20.58 -10.50
CA VAL C 29 -3.58 20.47 -9.79
C VAL C 29 -3.69 20.87 -8.32
N SER C 30 -4.30 22.04 -8.08
CA SER C 30 -4.44 22.60 -6.75
C SER C 30 -5.16 21.67 -5.87
N ASN C 31 -6.28 21.14 -6.37
CA ASN C 31 -7.07 20.18 -5.63
C ASN C 31 -6.22 18.99 -5.25
N ALA C 32 -5.49 18.43 -6.21
CA ALA C 32 -4.67 17.25 -5.91
C ALA C 32 -3.67 17.54 -4.79
N LEU C 33 -2.90 18.63 -4.94
CA LEU C 33 -1.90 19.02 -3.94
C LEU C 33 -2.50 19.31 -2.56
N ARG C 34 -3.52 20.17 -2.51
CA ARG C 34 -4.26 20.57 -1.29
C ARG C 34 -4.79 19.33 -0.59
N ASP C 35 -5.36 18.37 -1.31
CA ASP C 35 -6.02 17.22 -0.70
C ASP C 35 -5.13 15.99 -0.58
N ASP C 36 -3.85 16.10 -0.92
CA ASP C 36 -2.93 14.94 -0.97
C ASP C 36 -3.53 13.78 -1.72
N SER C 37 -4.16 14.03 -2.88
CA SER C 37 -4.88 13.00 -3.64
C SER C 37 -3.85 11.93 -3.98
N GLY C 38 -4.25 10.68 -4.13
CA GLY C 38 -3.31 9.67 -4.56
C GLY C 38 -2.86 9.72 -6.01
N LEU C 39 -3.55 10.55 -6.80
CA LEU C 39 -3.54 10.50 -8.28
C LEU C 39 -4.04 11.81 -8.85
N LEU C 40 -3.28 12.40 -9.76
CA LEU C 40 -3.67 13.56 -10.54
C LEU C 40 -3.77 13.10 -12.01
N THR C 41 -4.87 13.48 -12.66
CA THR C 41 -5.10 13.09 -14.06
C THR C 41 -5.22 14.32 -14.95
N LEU C 42 -4.33 14.38 -15.94
CA LEU C 42 -4.37 15.41 -16.97
C LEU C 42 -4.36 14.82 -18.38
N THR C 43 -5.16 15.41 -19.27
CA THR C 43 -5.22 14.99 -20.66
C THR C 43 -4.75 16.08 -21.58
N ASP C 44 -4.10 15.72 -22.68
CA ASP C 44 -3.58 16.74 -23.57
C ASP C 44 -4.49 16.91 -24.77
N GLU C 45 -4.11 17.82 -25.67
CA GLU C 45 -4.93 18.15 -26.81
C GLU C 45 -5.13 16.97 -27.78
N ARG C 46 -4.26 15.96 -27.76
CA ARG C 46 -4.37 14.76 -28.64
C ARG C 46 -5.06 13.61 -27.90
N GLY C 47 -5.34 13.76 -26.61
CA GLY C 47 -5.96 12.71 -25.82
C GLY C 47 -5.03 11.74 -25.11
N ARG C 48 -3.73 12.06 -25.07
CA ARG C 48 -2.77 11.36 -24.18
C ARG C 48 -3.17 11.63 -22.73
N ARG C 49 -3.08 10.61 -21.89
CA ARG C 49 -3.46 10.66 -20.45
C ARG C 49 -2.19 10.63 -19.59
N PHE C 50 -2.02 11.60 -18.70
CA PHE C 50 -0.97 11.58 -17.70
C PHE C 50 -1.62 11.35 -16.36
N LEU C 51 -1.23 10.23 -15.74
CA LEU C 51 -1.62 9.86 -14.41
C LEU C 51 -0.37 10.05 -13.57
N ILE C 52 -0.38 11.04 -12.68
CA ILE C 52 0.76 11.43 -11.89
C ILE C 52 0.49 11.14 -10.45
N HIS C 53 1.52 10.67 -9.74
CA HIS C 53 1.43 10.34 -8.33
C HIS C 53 1.63 11.65 -7.57
N THR C 54 0.53 12.25 -7.08
CA THR C 54 0.53 13.63 -6.56
C THR C 54 1.71 13.93 -5.66
N ALA C 55 2.01 12.99 -4.76
CA ALA C 55 3.03 13.19 -3.76
C ALA C 55 4.41 13.42 -4.37
N ARG C 56 4.64 12.87 -5.56
CA ARG C 56 5.91 12.98 -6.34
C ARG C 56 5.97 14.28 -7.16
N ILE C 57 4.95 15.13 -7.13
CA ILE C 57 5.02 16.40 -7.87
C ILE C 57 5.93 17.41 -7.18
N ALA C 58 6.90 17.95 -7.94
CA ALA C 58 7.74 19.06 -7.51
C ALA C 58 7.03 20.38 -7.78
N TYR C 59 6.63 20.58 -9.03
CA TYR C 59 5.90 21.81 -9.46
C TYR C 59 5.09 21.52 -10.70
N VAL C 60 4.11 22.40 -10.98
CA VAL C 60 3.51 22.56 -12.28
C VAL C 60 3.65 24.02 -12.74
N GLU C 61 4.20 24.22 -13.94
CA GLU C 61 4.14 25.48 -14.66
C GLU C 61 3.02 25.40 -15.69
N ILE C 62 2.05 26.30 -15.57
CA ILE C 62 0.97 26.48 -16.52
C ILE C 62 1.30 27.69 -17.36
N GLY C 63 1.42 27.51 -18.67
CA GLY C 63 1.83 28.56 -19.57
C GLY C 63 0.65 29.46 -19.80
N VAL C 64 0.93 30.54 -20.53
CA VAL C 64 -0.05 31.51 -21.01
C VAL C 64 -1.00 30.94 -22.07
N ALA C 65 -2.28 31.36 -22.04
CA ALA C 65 -3.32 30.87 -22.98
C ALA C 65 -2.92 31.07 -24.46
N ASP C 66 -3.45 30.19 -25.33
CA ASP C 66 -2.97 29.87 -26.71
C ASP C 66 -2.18 28.56 -26.75
N MET D 1 -1.01 1.10 -28.35
CA MET D 1 -0.62 2.45 -27.89
C MET D 1 0.54 2.30 -26.92
N GLU D 2 1.33 3.36 -26.82
CA GLU D 2 2.46 3.38 -25.95
C GLU D 2 2.01 3.66 -24.55
N VAL D 3 2.66 2.98 -23.60
CA VAL D 3 2.52 3.24 -22.20
C VAL D 3 3.93 3.47 -21.70
N LYS D 4 4.12 4.64 -21.08
CA LYS D 4 5.37 4.98 -20.44
C LYS D 4 5.11 5.10 -18.96
N ILE D 5 5.94 4.43 -18.15
CA ILE D 5 5.84 4.49 -16.71
C ILE D 5 7.16 4.95 -16.15
N GLY D 6 7.12 6.09 -15.46
CA GLY D 6 8.27 6.61 -14.75
C GLY D 6 8.29 6.03 -13.36
N ILE D 7 9.48 5.56 -12.95
CA ILE D 7 9.67 4.98 -11.63
C ILE D 7 10.62 5.86 -10.83
N THR D 8 10.16 6.34 -9.68
CA THR D 8 10.95 7.21 -8.83
C THR D 8 12.21 6.47 -8.32
N ASP D 9 13.34 7.21 -8.37
CA ASP D 9 14.68 6.77 -8.00
C ASP D 9 15.08 5.50 -8.80
N SER D 10 14.80 5.51 -10.10
CA SER D 10 15.14 4.39 -10.98
C SER D 10 15.39 4.93 -12.39
N PRO D 11 16.54 4.63 -13.02
CA PRO D 11 17.00 5.39 -14.19
C PRO D 11 16.15 5.12 -15.44
N ARG D 12 15.74 3.85 -15.63
CA ARG D 12 14.90 3.35 -16.77
C ARG D 12 13.46 3.86 -16.66
N GLU D 13 12.86 4.20 -17.79
CA GLU D 13 11.46 4.56 -17.88
C GLU D 13 10.85 3.39 -18.66
N LEU D 14 9.90 2.68 -18.03
CA LEU D 14 9.31 1.52 -18.67
C LEU D 14 8.46 1.99 -19.84
N VAL D 15 8.63 1.35 -20.99
CA VAL D 15 7.88 1.68 -22.19
C VAL D 15 7.40 0.40 -22.84
N PHE D 16 6.12 0.34 -23.21
CA PHE D 16 5.66 -0.80 -23.97
C PHE D 16 4.43 -0.48 -24.78
N SER D 17 4.05 -1.40 -25.68
CA SER D 17 2.84 -1.27 -26.47
C SER D 17 1.73 -2.16 -25.89
N SER D 18 0.57 -1.54 -25.65
CA SER D 18 -0.55 -2.22 -25.03
C SER D 18 -1.52 -2.61 -26.09
N ALA D 19 -2.04 -3.84 -25.96
CA ALA D 19 -3.20 -4.32 -26.70
C ALA D 19 -4.52 -3.87 -26.08
N GLN D 20 -4.47 -3.25 -24.89
CA GLN D 20 -5.69 -2.82 -24.20
C GLN D 20 -6.04 -1.39 -24.64
N THR D 21 -7.17 -0.88 -24.17
CA THR D 21 -7.65 0.46 -24.51
C THR D 21 -7.09 1.43 -23.47
N PRO D 22 -6.96 2.73 -23.83
CA PRO D 22 -6.52 3.73 -22.88
C PRO D 22 -7.32 3.62 -21.57
N SER D 23 -8.63 3.33 -21.66
CA SER D 23 -9.50 3.25 -20.50
C SER D 23 -9.15 2.09 -19.60
N GLU D 24 -8.88 0.92 -20.20
CA GLU D 24 -8.52 -0.26 -19.41
C GLU D 24 -7.25 0.00 -18.60
N VAL D 25 -6.24 0.55 -19.28
CA VAL D 25 -4.98 0.83 -18.63
C VAL D 25 -5.13 1.89 -17.55
N GLU D 26 -5.88 2.95 -17.86
CA GLU D 26 -6.15 4.02 -16.90
C GLU D 26 -6.85 3.47 -15.64
N GLU D 27 -7.80 2.57 -15.84
CA GLU D 27 -8.51 1.95 -14.73
C GLU D 27 -7.53 1.19 -13.84
N LEU D 28 -6.73 0.32 -14.45
CA LEU D 28 -5.74 -0.46 -13.70
C LEU D 28 -4.77 0.39 -12.88
N VAL D 29 -4.26 1.44 -13.52
CA VAL D 29 -3.32 2.36 -12.88
C VAL D 29 -3.97 3.18 -11.76
N SER D 30 -5.13 3.77 -12.08
CA SER D 30 -5.87 4.63 -11.16
C SER D 30 -6.20 3.87 -9.92
N ASN D 31 -6.72 2.66 -10.09
CA ASN D 31 -7.06 1.81 -8.97
C ASN D 31 -5.84 1.59 -8.10
N ALA D 32 -4.70 1.23 -8.71
CA ALA D 32 -3.48 0.99 -7.94
C ALA D 32 -3.10 2.22 -7.10
N LEU D 33 -3.01 3.38 -7.75
CA LEU D 33 -2.66 4.64 -7.07
C LEU D 33 -3.65 5.04 -5.96
N ARG D 34 -4.95 5.07 -6.30
CA ARG D 34 -6.07 5.39 -5.37
C ARG D 34 -6.04 4.46 -4.16
N ASP D 35 -5.80 3.16 -4.36
CA ASP D 35 -5.88 2.19 -3.26
C ASP D 35 -4.52 1.90 -2.60
N ASP D 36 -3.45 2.59 -3.00
CA ASP D 36 -2.08 2.25 -2.56
C ASP D 36 -1.80 0.76 -2.66
N SER D 37 -2.16 0.15 -3.79
CA SER D 37 -2.18 -1.31 -3.92
C SER D 37 -0.91 -2.07 -3.54
N GLY D 38 0.24 -1.50 -3.77
CA GLY D 38 1.46 -2.28 -3.47
C GLY D 38 1.94 -3.22 -4.55
N LEU D 39 1.11 -3.48 -5.58
CA LEU D 39 1.53 -4.11 -6.84
C LEU D 39 0.56 -3.71 -7.96
N LEU D 40 1.11 -3.23 -9.08
CA LEU D 40 0.37 -2.95 -10.30
C LEU D 40 0.90 -3.89 -11.38
N THR D 41 -0.02 -4.53 -12.11
CA THR D 41 0.36 -5.48 -13.14
C THR D 41 -0.17 -5.02 -14.50
N LEU D 42 0.77 -4.84 -15.44
CA LEU D 42 0.45 -4.55 -16.82
C LEU D 42 1.10 -5.56 -17.78
N THR D 43 0.39 -5.89 -18.86
CA THR D 43 0.88 -6.78 -19.88
C THR D 43 0.94 -6.06 -21.20
N ASP D 44 1.91 -6.42 -22.05
CA ASP D 44 2.00 -5.76 -23.33
C ASP D 44 1.44 -6.66 -24.43
N GLU D 45 1.46 -6.16 -25.66
CA GLU D 45 0.87 -6.86 -26.77
C GLU D 45 1.54 -8.21 -27.08
N ARG D 46 2.79 -8.38 -26.63
CA ARG D 46 3.52 -9.63 -26.86
C ARG D 46 3.44 -10.60 -25.67
N GLY D 47 2.83 -10.14 -24.58
CA GLY D 47 2.69 -10.95 -23.38
C GLY D 47 3.78 -10.81 -22.34
N ARG D 48 4.65 -9.81 -22.48
CA ARG D 48 5.58 -9.41 -21.39
C ARG D 48 4.78 -8.88 -20.22
N ARG D 49 5.17 -9.22 -19.01
CA ARG D 49 4.50 -8.83 -17.75
C ARG D 49 5.34 -7.81 -17.00
N PHE D 50 4.77 -6.66 -16.66
CA PHE D 50 5.39 -5.68 -15.80
C PHE D 50 4.66 -5.66 -14.48
N LEU D 51 5.40 -6.00 -13.43
CA LEU D 51 4.93 -5.96 -12.05
C LEU D 51 5.66 -4.80 -11.43
N ILE D 52 4.91 -3.73 -11.10
CA ILE D 52 5.48 -2.50 -10.60
C ILE D 52 5.02 -2.28 -9.19
N HIS D 53 5.92 -1.75 -8.37
CA HIS D 53 5.67 -1.47 -6.96
C HIS D 53 4.97 -0.10 -6.92
N THR D 54 3.64 -0.11 -6.72
CA THR D 54 2.79 1.08 -6.93
C THR D 54 3.39 2.35 -6.33
N ALA D 55 3.91 2.22 -5.11
CA ALA D 55 4.38 3.36 -4.36
C ALA D 55 5.55 4.05 -5.07
N ARG D 56 6.32 3.29 -5.85
CA ARG D 56 7.50 3.77 -6.61
C ARG D 56 7.09 4.40 -7.95
N ILE D 57 5.81 4.41 -8.33
CA ILE D 57 5.40 5.04 -9.58
C ILE D 57 5.43 6.60 -9.45
N ALA D 58 6.13 7.23 -10.40
CA ALA D 58 6.13 8.68 -10.55
C ALA D 58 4.94 9.09 -11.40
N TYR D 59 4.82 8.51 -12.60
CA TYR D 59 3.71 8.79 -13.53
C TYR D 59 3.50 7.63 -14.48
N VAL D 60 2.33 7.58 -15.08
CA VAL D 60 2.05 6.82 -16.29
C VAL D 60 1.52 7.77 -17.37
N GLU D 61 2.18 7.76 -18.54
CA GLU D 61 1.68 8.37 -19.75
C GLU D 61 1.05 7.22 -20.59
N ILE D 62 -0.24 7.36 -20.90
CA ILE D 62 -0.96 6.53 -21.83
C ILE D 62 -1.08 7.30 -23.14
N GLY D 63 -0.57 6.70 -24.22
CA GLY D 63 -0.60 7.30 -25.52
C GLY D 63 -1.98 7.24 -26.09
N VAL D 64 -2.13 7.91 -27.23
CA VAL D 64 -3.36 7.98 -28.02
C VAL D 64 -3.70 6.63 -28.70
N ALA D 65 -5.00 6.31 -28.78
CA ALA D 65 -5.50 5.03 -29.34
C ALA D 65 -5.16 4.83 -30.84
N MET E 1 -12.36 -13.84 -4.37
CA MET E 1 -12.42 -12.36 -4.29
C MET E 1 -11.34 -11.90 -3.33
N GLU E 2 -10.91 -10.65 -3.53
CA GLU E 2 -9.90 -10.06 -2.70
C GLU E 2 -10.51 -9.60 -1.41
N VAL E 3 -9.74 -9.78 -0.33
CA VAL E 3 -10.05 -9.24 0.94
C VAL E 3 -8.81 -8.49 1.36
N LYS E 4 -9.00 -7.21 1.65
CA LYS E 4 -7.94 -6.39 2.20
C LYS E 4 -8.34 -5.98 3.60
N ILE E 5 -7.44 -6.17 4.56
CA ILE E 5 -7.69 -5.80 5.95
C ILE E 5 -6.58 -4.86 6.38
N GLY E 6 -6.96 -3.63 6.74
CA GLY E 6 -6.06 -2.66 7.29
C GLY E 6 -5.99 -2.84 8.80
N ILE E 7 -4.76 -2.80 9.32
CA ILE E 7 -4.51 -2.94 10.75
C ILE E 7 -3.92 -1.66 11.31
N THR E 8 -4.60 -1.07 12.28
CA THR E 8 -4.16 0.17 12.91
C THR E 8 -2.78 0.00 13.56
N ASP E 9 -1.94 1.04 13.33
CA ASP E 9 -0.56 1.15 13.79
C ASP E 9 0.29 -0.03 13.29
N SER E 10 0.10 -0.42 12.03
CA SER E 10 0.85 -1.53 11.42
C SER E 10 1.00 -1.26 9.93
N PRO E 11 2.23 -1.18 9.42
CA PRO E 11 2.42 -0.84 8.00
C PRO E 11 1.66 -1.70 7.00
N ARG E 12 1.87 -3.00 7.12
CA ARG E 12 1.28 -4.05 6.22
C ARG E 12 -0.25 -4.01 6.21
N GLU E 13 -0.84 -4.20 5.03
CA GLU E 13 -2.26 -4.33 4.85
C GLU E 13 -2.42 -5.77 4.38
N LEU E 14 -3.15 -6.58 5.15
CA LEU E 14 -3.34 -7.98 4.81
C LEU E 14 -4.18 -8.07 3.57
N VAL E 15 -3.75 -8.87 2.60
CA VAL E 15 -4.47 -9.08 1.36
C VAL E 15 -4.51 -10.57 1.05
N PHE E 16 -5.68 -11.10 0.72
CA PHE E 16 -5.73 -12.47 0.27
C PHE E 16 -6.94 -12.72 -0.60
N SER E 17 -6.96 -13.90 -1.23
CA SER E 17 -8.10 -14.37 -2.00
C SER E 17 -8.92 -15.36 -1.20
N SER E 18 -10.24 -15.11 -1.12
CA SER E 18 -11.14 -15.93 -0.35
C SER E 18 -11.84 -16.88 -1.27
N ALA E 19 -11.97 -18.13 -0.83
CA ALA E 19 -12.85 -19.12 -1.43
C ALA E 19 -14.31 -18.97 -0.99
N GLN E 20 -14.56 -18.11 0.01
CA GLN E 20 -15.90 -17.94 0.57
C GLN E 20 -16.62 -16.84 -0.20
N THR E 21 -17.90 -16.63 0.14
CA THR E 21 -18.73 -15.64 -0.53
C THR E 21 -18.57 -14.31 0.19
N PRO E 22 -18.82 -13.17 -0.52
CA PRO E 22 -18.79 -11.85 0.12
C PRO E 22 -19.62 -11.87 1.42
N SER E 23 -20.75 -12.59 1.42
CA SER E 23 -21.64 -12.62 2.56
C SER E 23 -21.02 -13.32 3.74
N GLU E 24 -20.36 -14.44 3.50
CA GLU E 24 -19.71 -15.20 4.58
C GLU E 24 -18.66 -14.35 5.27
N VAL E 25 -17.82 -13.71 4.46
CA VAL E 25 -16.73 -12.90 4.98
C VAL E 25 -17.29 -11.69 5.72
N GLU E 26 -18.29 -11.03 5.13
CA GLU E 26 -18.96 -9.90 5.78
C GLU E 26 -19.54 -10.27 7.15
N GLU E 27 -20.14 -11.43 7.28
CA GLU E 27 -20.65 -11.80 8.57
C GLU E 27 -19.54 -12.07 9.54
N LEU E 28 -18.55 -12.83 9.14
CA LEU E 28 -17.43 -13.06 10.06
C LEU E 28 -16.83 -11.78 10.61
N VAL E 29 -16.60 -10.81 9.71
CA VAL E 29 -16.01 -9.53 10.10
C VAL E 29 -16.96 -8.70 10.98
N SER E 30 -18.21 -8.58 10.51
CA SER E 30 -19.22 -7.78 11.19
C SER E 30 -19.44 -8.28 12.58
N ASN E 31 -19.58 -9.59 12.72
CA ASN E 31 -19.74 -10.20 14.02
C ASN E 31 -18.58 -9.83 14.93
N ALA E 32 -17.34 -9.97 14.44
CA ALA E 32 -16.17 -9.66 15.26
C ALA E 32 -16.24 -8.19 15.75
N LEU E 33 -16.42 -7.26 14.81
CA LEU E 33 -16.50 -5.84 15.15
C LEU E 33 -17.66 -5.47 16.09
N ARG E 34 -18.86 -5.94 15.77
CA ARG E 34 -20.05 -5.69 16.58
C ARG E 34 -19.94 -6.27 17.99
N ASP E 35 -19.29 -7.42 18.14
CA ASP E 35 -19.17 -8.04 19.46
C ASP E 35 -17.86 -7.70 20.20
N ASP E 36 -17.00 -6.86 19.62
CA ASP E 36 -15.63 -6.67 20.12
C ASP E 36 -14.93 -7.98 20.42
N SER E 37 -15.06 -8.97 19.52
CA SER E 37 -14.55 -10.32 19.77
C SER E 37 -13.06 -10.19 19.94
N GLY E 38 -12.43 -11.08 20.70
CA GLY E 38 -10.99 -10.96 20.89
C GLY E 38 -10.10 -11.36 19.69
N LEU E 39 -10.74 -11.98 18.68
CA LEU E 39 -10.09 -12.74 17.62
C LEU E 39 -11.03 -12.87 16.43
N LEU E 40 -10.55 -12.52 15.24
CA LEU E 40 -11.22 -12.78 13.99
C LEU E 40 -10.38 -13.78 13.19
N THR E 41 -11.03 -14.80 12.64
CA THR E 41 -10.33 -15.84 11.87
C THR E 41 -10.84 -15.89 10.44
N LEU E 42 -9.90 -15.68 9.49
CA LEU E 42 -10.18 -15.86 8.09
C LEU E 42 -9.19 -16.88 7.45
N THR E 43 -9.70 -17.70 6.54
CA THR E 43 -8.85 -18.59 5.76
C THR E 43 -8.92 -18.24 4.29
N ASP E 44 -7.81 -18.40 3.58
CA ASP E 44 -7.82 -18.04 2.19
C ASP E 44 -7.98 -19.28 1.30
N GLU E 45 -7.98 -19.07 -0.02
CA GLU E 45 -8.23 -20.15 -0.95
C GLU E 45 -7.16 -21.24 -0.92
N ARG E 46 -5.95 -20.92 -0.44
CA ARG E 46 -4.80 -21.86 -0.38
C ARG E 46 -4.70 -22.48 1.01
N GLY E 47 -5.56 -22.07 1.97
CA GLY E 47 -5.56 -22.59 3.32
C GLY E 47 -4.66 -21.89 4.34
N ARG E 48 -4.13 -20.73 3.97
CA ARG E 48 -3.44 -19.83 4.94
C ARG E 48 -4.47 -19.32 5.94
N ARG E 49 -4.09 -19.25 7.21
CA ARG E 49 -4.97 -18.81 8.32
C ARG E 49 -4.53 -17.42 8.80
N PHE E 50 -5.45 -16.46 8.83
CA PHE E 50 -5.21 -15.16 9.40
C PHE E 50 -6.03 -15.06 10.67
N LEU E 51 -5.33 -14.88 11.79
CA LEU E 51 -5.89 -14.66 13.09
C LEU E 51 -5.58 -13.21 13.39
N ILE E 52 -6.62 -12.37 13.43
CA ILE E 52 -6.47 -10.96 13.59
C ILE E 52 -7.07 -10.55 14.90
N HIS E 53 -6.40 -9.58 15.55
CA HIS E 53 -6.83 -9.03 16.82
C HIS E 53 -7.90 -7.97 16.51
N THR E 54 -9.18 -8.31 16.68
CA THR E 54 -10.30 -7.51 16.19
C THR E 54 -10.14 -6.03 16.46
N ALA E 55 -9.72 -5.71 17.69
CA ALA E 55 -9.62 -4.33 18.14
C ALA E 55 -8.64 -3.52 17.31
N ARG E 56 -7.65 -4.18 16.73
CA ARG E 56 -6.59 -3.58 15.86
C ARG E 56 -7.07 -3.42 14.41
N ILE E 57 -8.27 -3.87 14.05
CA ILE E 57 -8.77 -3.69 12.68
C ILE E 57 -9.18 -2.22 12.43
N ALA E 58 -8.62 -1.64 11.36
CA ALA E 58 -9.02 -0.32 10.85
C ALA E 58 -10.21 -0.49 9.92
N TYR E 59 -10.06 -1.34 8.91
CA TYR E 59 -11.15 -1.60 7.93
C TYR E 59 -10.94 -2.97 7.29
N VAL E 60 -12.01 -3.50 6.68
CA VAL E 60 -11.95 -4.54 5.69
C VAL E 60 -12.61 -4.09 4.39
N GLU E 61 -11.89 -4.21 3.28
CA GLU E 61 -12.46 -4.11 1.94
C GLU E 61 -12.68 -5.53 1.40
N ILE E 62 -13.93 -5.83 1.08
CA ILE E 62 -14.33 -7.07 0.44
C ILE E 62 -14.57 -6.76 -1.03
N GLY E 63 -13.82 -7.41 -1.92
CA GLY E 63 -13.94 -7.22 -3.33
C GLY E 63 -15.18 -7.88 -3.85
N VAL E 64 -15.47 -7.63 -5.13
CA VAL E 64 -16.62 -8.20 -5.85
C VAL E 64 -16.44 -9.73 -6.12
N ALA E 65 -17.55 -10.49 -6.05
CA ALA E 65 -17.55 -11.95 -6.21
C ALA E 65 -16.94 -12.38 -7.56
N ASP E 66 -16.43 -13.62 -7.56
CA ASP E 66 -15.41 -14.22 -8.46
C ASP E 66 -14.04 -14.26 -7.75
N MET F 1 6.21 -24.86 8.19
CA MET F 1 5.37 -23.80 7.59
C MET F 1 5.73 -22.47 8.22
N GLU F 2 5.46 -21.41 7.48
CA GLU F 2 5.75 -20.07 7.92
C GLU F 2 4.72 -19.60 8.89
N VAL F 3 5.19 -18.87 9.89
CA VAL F 3 4.34 -18.14 10.79
C VAL F 3 4.84 -16.72 10.75
N LYS F 4 3.94 -15.81 10.41
CA LYS F 4 4.23 -14.38 10.43
C LYS F 4 3.35 -13.76 11.49
N ILE F 5 3.97 -12.98 12.38
CA ILE F 5 3.24 -12.30 13.46
C ILE F 5 3.53 -10.82 13.33
N GLY F 6 2.48 -10.05 13.14
CA GLY F 6 2.55 -8.61 13.14
C GLY F 6 2.34 -8.11 14.55
N ILE F 7 3.22 -7.19 14.96
CA ILE F 7 3.18 -6.63 16.27
C ILE F 7 2.82 -5.15 16.10
N THR F 8 1.75 -4.71 16.81
CA THR F 8 1.31 -3.34 16.75
C THR F 8 2.33 -2.40 17.38
N ASP F 9 2.55 -1.27 16.68
CA ASP F 9 3.50 -0.20 17.00
C ASP F 9 4.93 -0.77 17.14
N SER F 10 5.31 -1.65 16.22
CA SER F 10 6.65 -2.24 16.20
C SER F 10 7.03 -2.53 14.76
N PRO F 11 8.23 -2.09 14.28
CA PRO F 11 8.54 -2.09 12.85
C PRO F 11 8.71 -3.51 12.28
N ARG F 12 9.33 -4.41 13.06
CA ARG F 12 9.58 -5.84 12.74
C ARG F 12 8.29 -6.66 12.66
N GLU F 13 8.22 -7.58 11.70
CA GLU F 13 7.19 -8.57 11.60
C GLU F 13 7.91 -9.88 11.86
N LEU F 14 7.52 -10.58 12.92
CA LEU F 14 8.19 -11.82 13.30
C LEU F 14 7.87 -12.87 12.29
N VAL F 15 8.89 -13.58 11.80
CA VAL F 15 8.72 -14.66 10.85
C VAL F 15 9.52 -15.87 11.28
N PHE F 16 8.91 -17.06 11.27
CA PHE F 16 9.70 -18.25 11.49
C PHE F 16 9.06 -19.48 10.89
N SER F 17 9.81 -20.57 10.87
CA SER F 17 9.31 -21.88 10.43
C SER F 17 8.97 -22.76 11.63
N SER F 18 7.74 -23.30 11.64
CA SER F 18 7.24 -24.12 12.72
C SER F 18 7.38 -25.56 12.36
N ALA F 19 7.81 -26.36 13.33
CA ALA F 19 7.74 -27.83 13.27
C ALA F 19 6.35 -28.36 13.64
N GLN F 20 5.47 -27.49 14.13
CA GLN F 20 4.13 -27.91 14.57
C GLN F 20 3.15 -27.83 13.40
N THR F 21 1.90 -28.26 13.64
CA THR F 21 0.87 -28.26 12.61
C THR F 21 0.14 -26.92 12.65
N PRO F 22 -0.47 -26.51 11.51
CA PRO F 22 -1.26 -25.28 11.49
C PRO F 22 -2.23 -25.24 12.67
N SER F 23 -2.82 -26.40 13.02
CA SER F 23 -3.81 -26.48 14.08
C SER F 23 -3.23 -26.21 15.43
N GLU F 24 -2.04 -26.76 15.70
CA GLU F 24 -1.37 -26.54 16.99
C GLU F 24 -1.11 -25.06 17.21
N VAL F 25 -0.55 -24.42 16.18
CA VAL F 25 -0.23 -23.01 16.28
C VAL F 25 -1.49 -22.17 16.40
N GLU F 26 -2.52 -22.49 15.60
CA GLU F 26 -3.80 -21.81 15.68
C GLU F 26 -4.42 -21.89 17.09
N GLU F 27 -4.42 -23.08 17.70
CA GLU F 27 -4.90 -23.22 19.05
C GLU F 27 -4.11 -22.31 20.00
N LEU F 28 -2.77 -22.39 19.99
CA LEU F 28 -1.95 -21.56 20.86
C LEU F 28 -2.27 -20.05 20.75
N VAL F 29 -2.38 -19.58 19.51
CA VAL F 29 -2.67 -18.18 19.24
C VAL F 29 -4.09 -17.79 19.65
N SER F 30 -5.06 -18.58 19.20
CA SER F 30 -6.46 -18.33 19.51
C SER F 30 -6.66 -18.24 21.00
N ASN F 31 -6.16 -19.22 21.73
CA ASN F 31 -6.28 -19.23 23.16
C ASN F 31 -5.74 -17.96 23.74
N ALA F 32 -4.53 -17.55 23.32
CA ALA F 32 -3.93 -16.32 23.84
C ALA F 32 -4.85 -15.12 23.63
N LEU F 33 -5.29 -14.92 22.38
CA LEU F 33 -6.16 -13.80 22.02
C LEU F 33 -7.52 -13.81 22.76
N ARG F 34 -8.19 -14.94 22.72
CA ARG F 34 -9.48 -15.10 23.39
C ARG F 34 -9.41 -14.91 24.90
N ASP F 35 -8.32 -15.35 25.53
CA ASP F 35 -8.19 -15.22 26.97
C ASP F 35 -7.43 -13.97 27.43
N ASP F 36 -7.02 -13.10 26.52
CA ASP F 36 -6.10 -11.98 26.84
C ASP F 36 -4.91 -12.43 27.67
N SER F 37 -4.27 -13.55 27.29
CA SER F 37 -3.22 -14.18 28.07
C SER F 37 -2.13 -13.29 28.67
N GLY F 38 -1.68 -12.28 27.96
CA GLY F 38 -0.53 -11.54 28.44
C GLY F 38 0.84 -12.13 28.16
N LEU F 39 0.91 -13.39 27.70
CA LEU F 39 2.10 -13.99 27.09
C LEU F 39 1.69 -15.13 26.16
N LEU F 40 2.18 -15.10 24.91
CA LEU F 40 2.05 -16.16 23.94
C LEU F 40 3.45 -16.71 23.65
N THR F 41 3.59 -18.04 23.68
CA THR F 41 4.88 -18.68 23.47
C THR F 41 4.86 -19.59 22.26
N LEU F 42 5.72 -19.31 21.29
CA LEU F 42 5.90 -20.15 20.12
C LEU F 42 7.38 -20.53 19.92
N THR F 43 7.63 -21.76 19.48
CA THR F 43 8.97 -22.25 19.22
C THR F 43 9.10 -22.65 17.76
N ASP F 44 10.27 -22.43 17.18
CA ASP F 44 10.44 -22.73 15.78
C ASP F 44 11.17 -24.05 15.59
N GLU F 45 11.39 -24.43 14.32
CA GLU F 45 11.96 -25.71 14.00
C GLU F 45 13.41 -25.85 14.52
N ARG F 46 14.11 -24.76 14.77
CA ARG F 46 15.51 -24.79 15.31
C ARG F 46 15.52 -24.66 16.84
N GLY F 47 14.36 -24.43 17.47
CA GLY F 47 14.28 -24.23 18.90
C GLY F 47 14.43 -22.81 19.43
N ARG F 48 14.38 -21.83 18.54
CA ARG F 48 14.24 -20.40 18.94
C ARG F 48 12.87 -20.21 19.60
N ARG F 49 12.81 -19.41 20.66
CA ARG F 49 11.55 -19.20 21.36
C ARG F 49 11.10 -17.74 21.36
N PHE F 50 9.89 -17.54 20.84
CA PHE F 50 9.28 -16.25 20.74
C PHE F 50 8.26 -16.13 21.84
N LEU F 51 8.49 -15.15 22.71
CA LEU F 51 7.60 -14.77 23.78
C LEU F 51 7.03 -13.45 23.37
N ILE F 52 5.73 -13.44 23.06
CA ILE F 52 5.06 -12.26 22.55
C ILE F 52 4.04 -11.79 23.55
N HIS F 53 3.93 -10.47 23.67
CA HIS F 53 2.99 -9.83 24.57
C HIS F 53 1.63 -9.82 23.87
N THR F 54 0.73 -10.74 24.25
CA THR F 54 -0.48 -11.05 23.45
C THR F 54 -1.21 -9.77 23.00
N ALA F 55 -1.32 -8.80 23.92
CA ALA F 55 -2.11 -7.62 23.67
C ALA F 55 -1.55 -6.80 22.51
N ARG F 56 -0.24 -6.91 22.27
CA ARG F 56 0.50 -6.21 21.19
C ARG F 56 0.41 -6.97 19.85
N ILE F 57 -0.25 -8.12 19.79
CA ILE F 57 -0.45 -8.81 18.51
C ILE F 57 -1.48 -8.09 17.62
N ALA F 58 -1.06 -7.78 16.38
CA ALA F 58 -1.94 -7.25 15.34
C ALA F 58 -2.60 -8.45 14.63
N TYR F 59 -1.79 -9.38 14.14
CA TYR F 59 -2.28 -10.59 13.45
C TYR F 59 -1.22 -11.69 13.53
N VAL F 60 -1.65 -12.92 13.30
CA VAL F 60 -0.82 -14.02 12.93
C VAL F 60 -1.31 -14.62 11.61
N GLU F 61 -0.42 -14.74 10.62
CA GLU F 61 -0.62 -15.53 9.43
C GLU F 61 0.10 -16.87 9.65
N ILE F 62 -0.67 -17.96 9.56
CA ILE F 62 -0.16 -19.31 9.54
C ILE F 62 -0.18 -19.80 8.10
N GLY F 63 1.00 -20.17 7.59
CA GLY F 63 1.15 -20.55 6.22
C GLY F 63 0.64 -21.96 6.07
N VAL F 64 0.56 -22.37 4.79
CA VAL F 64 0.13 -23.69 4.35
C VAL F 64 1.17 -24.77 4.71
N ALA F 65 0.70 -25.98 5.08
CA ALA F 65 1.61 -27.07 5.56
C ALA F 65 2.57 -27.59 4.46
N MET G 1 -13.56 31.98 2.38
CA MET G 1 -12.34 31.97 3.23
C MET G 1 -11.90 30.53 3.39
N GLU G 2 -10.61 30.36 3.69
CA GLU G 2 -10.04 29.07 3.87
C GLU G 2 -10.36 28.57 5.25
N VAL G 3 -10.62 27.26 5.33
CA VAL G 3 -10.70 26.56 6.56
C VAL G 3 -9.71 25.42 6.45
N LYS G 4 -8.79 25.37 7.41
CA LYS G 4 -7.88 24.24 7.55
C LYS G 4 -8.23 23.51 8.83
N ILE G 5 -8.36 22.19 8.75
CA ILE G 5 -8.59 21.36 9.91
C ILE G 5 -7.50 20.31 9.99
N GLY G 6 -6.76 20.35 11.08
CA GLY G 6 -5.77 19.34 11.40
C GLY G 6 -6.41 18.21 12.16
N ILE G 7 -6.09 17.00 11.73
CA ILE G 7 -6.65 15.80 12.33
C ILE G 7 -5.48 15.06 12.99
N THR G 8 -5.62 14.76 14.29
CA THR G 8 -4.61 14.01 15.02
C THR G 8 -4.48 12.57 14.49
N ASP G 9 -3.22 12.16 14.34
CA ASP G 9 -2.77 10.86 13.85
C ASP G 9 -3.33 10.60 12.44
N SER G 10 -3.27 11.63 11.59
CA SER G 10 -3.71 11.54 10.20
C SER G 10 -2.87 12.50 9.37
N PRO G 11 -2.26 12.04 8.25
CA PRO G 11 -1.22 12.83 7.57
C PRO G 11 -1.81 14.07 6.86
N ARG G 12 -3.01 13.93 6.26
CA ARG G 12 -3.77 14.98 5.53
C ARG G 12 -4.28 16.07 6.47
N GLU G 13 -4.24 17.32 6.01
CA GLU G 13 -4.84 18.44 6.68
C GLU G 13 -5.99 18.84 5.77
N LEU G 14 -7.21 18.79 6.28
CA LEU G 14 -8.37 19.13 5.46
C LEU G 14 -8.34 20.63 5.18
N VAL G 15 -8.54 21.00 3.92
CA VAL G 15 -8.54 22.39 3.49
C VAL G 15 -9.70 22.62 2.56
N PHE G 16 -10.48 23.68 2.78
CA PHE G 16 -11.50 24.01 1.82
C PHE G 16 -11.89 25.47 1.91
N SER G 17 -12.66 25.92 0.93
CA SER G 17 -13.21 27.28 0.92
C SER G 17 -14.67 27.26 1.37
N SER G 18 -14.99 28.12 2.35
CA SER G 18 -16.30 28.16 2.95
C SER G 18 -17.05 29.31 2.35
N ALA G 19 -18.33 29.08 2.04
CA ALA G 19 -19.29 30.12 1.72
C ALA G 19 -19.88 30.78 2.97
N GLN G 20 -19.58 30.23 4.16
CA GLN G 20 -20.10 30.77 5.42
C GLN G 20 -19.18 31.83 5.96
N THR G 21 -19.59 32.50 7.05
CA THR G 21 -18.81 33.57 7.67
C THR G 21 -17.89 32.95 8.72
N PRO G 22 -16.77 33.62 9.04
CA PRO G 22 -15.87 33.12 10.09
C PRO G 22 -16.67 32.79 11.35
N SER G 23 -17.70 33.59 11.68
CA SER G 23 -18.49 33.39 12.89
C SER G 23 -19.30 32.13 12.84
N GLU G 24 -19.93 31.86 11.69
CA GLU G 24 -20.74 30.64 11.52
C GLU G 24 -19.88 29.39 11.76
N VAL G 25 -18.72 29.38 11.10
CA VAL G 25 -17.82 28.24 11.21
C VAL G 25 -17.27 28.10 12.61
N GLU G 26 -16.88 29.22 13.22
CA GLU G 26 -16.40 29.23 14.60
C GLU G 26 -17.44 28.66 15.57
N GLU G 27 -18.69 29.09 15.44
CA GLU G 27 -19.76 28.54 16.27
C GLU G 27 -19.85 27.00 16.09
N LEU G 28 -19.97 26.54 14.83
CA LEU G 28 -20.06 25.09 14.58
C LEU G 28 -18.92 24.28 15.21
N VAL G 29 -17.68 24.78 15.05
CA VAL G 29 -16.50 24.13 15.59
C VAL G 29 -16.47 24.17 17.11
N SER G 30 -16.69 25.36 17.67
CA SER G 30 -16.63 25.58 19.10
C SER G 30 -17.61 24.71 19.80
N ASN G 31 -18.86 24.67 19.28
CA ASN G 31 -19.89 23.82 19.83
C ASN G 31 -19.44 22.38 19.84
N ALA G 32 -18.91 21.89 18.72
CA ALA G 32 -18.46 20.49 18.66
C ALA G 32 -17.41 20.19 19.76
N LEU G 33 -16.36 21.02 19.82
CA LEU G 33 -15.29 20.86 20.80
C LEU G 33 -15.79 20.98 22.27
N ARG G 34 -16.52 22.04 22.58
CA ARG G 34 -17.13 22.33 23.90
C ARG G 34 -18.01 21.17 24.34
N ASP G 35 -18.81 20.60 23.44
CA ASP G 35 -19.75 19.54 23.81
C ASP G 35 -19.22 18.12 23.63
N ASP G 36 -17.96 17.95 23.20
CA ASP G 36 -17.43 16.65 22.78
C ASP G 36 -18.39 15.93 21.85
N SER G 37 -18.95 16.63 20.86
CA SER G 37 -19.95 16.08 19.95
C SER G 37 -19.31 14.88 19.29
N GLY G 38 -20.09 13.87 18.87
CA GLY G 38 -19.51 12.76 18.17
C GLY G 38 -19.03 13.02 16.73
N LEU G 39 -19.40 14.18 16.20
CA LEU G 39 -19.42 14.50 14.78
C LEU G 39 -19.51 16.01 14.59
N LEU G 40 -18.60 16.56 13.77
CA LEU G 40 -18.63 17.93 13.31
C LEU G 40 -18.88 17.89 11.79
N THR G 41 -19.82 18.72 11.32
CA THR G 41 -20.15 18.79 9.90
C THR G 41 -19.89 20.17 9.33
N LEU G 42 -19.03 20.22 8.31
CA LEU G 42 -18.77 21.43 7.57
C LEU G 42 -18.96 21.22 6.05
N THR G 43 -19.48 22.24 5.37
CA THR G 43 -19.68 22.20 3.94
C THR G 43 -18.87 23.28 3.25
N ASP G 44 -18.42 23.01 2.03
CA ASP G 44 -17.68 24.02 1.33
C ASP G 44 -18.52 24.72 0.30
N GLU G 45 -17.91 25.69 -0.40
CA GLU G 45 -18.66 26.50 -1.34
C GLU G 45 -19.21 25.70 -2.53
N ARG G 46 -18.64 24.53 -2.82
CA ARG G 46 -19.05 23.65 -3.96
C ARG G 46 -20.03 22.57 -3.47
N GLY G 47 -20.27 22.48 -2.15
CA GLY G 47 -21.18 21.50 -1.59
C GLY G 47 -20.58 20.18 -1.16
N ARG G 48 -19.26 20.09 -1.14
CA ARG G 48 -18.56 18.94 -0.51
C ARG G 48 -18.83 18.97 1.00
N ARG G 49 -19.08 17.80 1.58
CA ARG G 49 -19.39 17.63 3.02
C ARG G 49 -18.20 16.98 3.74
N PHE G 50 -17.73 17.61 4.80
CA PHE G 50 -16.72 17.03 5.67
C PHE G 50 -17.39 16.69 6.99
N LEU G 51 -17.37 15.40 7.31
CA LEU G 51 -17.85 14.85 8.55
C LEU G 51 -16.61 14.43 9.30
N ILE G 52 -16.32 15.12 10.39
CA ILE G 52 -15.09 14.91 11.16
C ILE G 52 -15.45 14.39 12.52
N HIS G 53 -14.63 13.46 13.02
CA HIS G 53 -14.80 12.86 14.32
C HIS G 53 -14.20 13.83 15.35
N THR G 54 -15.06 14.58 16.05
CA THR G 54 -14.64 15.73 16.88
C THR G 54 -13.39 15.46 17.71
N ALA G 55 -13.37 14.28 18.34
CA ALA G 55 -12.30 13.93 19.26
C ALA G 55 -10.93 13.91 18.60
N ARG G 56 -10.91 13.61 17.30
CA ARG G 56 -9.70 13.51 16.44
C ARG G 56 -9.28 14.89 15.93
N ILE G 57 -10.00 15.98 16.21
CA ILE G 57 -9.58 17.30 15.77
C ILE G 57 -8.39 17.82 16.62
N ALA G 58 -7.31 18.21 15.93
CA ALA G 58 -6.17 18.88 16.52
C ALA G 58 -6.46 20.37 16.59
N TYR G 59 -6.77 20.98 15.45
CA TYR G 59 -7.07 22.43 15.37
C TYR G 59 -7.94 22.72 14.15
N VAL G 60 -8.60 23.87 14.18
CA VAL G 60 -9.15 24.52 13.01
C VAL G 60 -8.58 25.93 12.89
N GLU G 61 -8.01 26.24 11.73
CA GLU G 61 -7.67 27.60 11.32
C GLU G 61 -8.80 28.09 10.40
N ILE G 62 -9.46 29.18 10.81
CA ILE G 62 -10.39 29.91 9.99
C ILE G 62 -9.70 31.14 9.46
N GLY G 63 -9.65 31.26 8.13
CA GLY G 63 -9.04 32.37 7.46
C GLY G 63 -9.87 33.61 7.61
N VAL G 64 -9.29 34.73 7.21
CA VAL G 64 -9.92 36.06 7.28
C VAL G 64 -11.05 36.23 6.23
N ALA G 65 -12.13 36.93 6.59
CA ALA G 65 -13.35 37.05 5.76
C ALA G 65 -13.04 37.59 4.35
N ASP G 66 -13.90 37.21 3.40
CA ASP G 66 -13.68 37.15 1.93
C ASP G 66 -13.38 35.69 1.48
N MET H 1 -20.31 9.88 -6.92
CA MET H 1 -19.50 10.89 -6.20
C MET H 1 -18.42 10.17 -5.43
N GLU H 2 -17.34 10.89 -5.17
CA GLU H 2 -16.23 10.37 -4.41
C GLU H 2 -16.54 10.43 -2.96
N VAL H 3 -16.13 9.38 -2.26
CA VAL H 3 -16.16 9.32 -0.83
C VAL H 3 -14.74 9.00 -0.42
N LYS H 4 -14.17 9.88 0.40
CA LYS H 4 -12.87 9.66 0.99
C LYS H 4 -13.07 9.50 2.49
N ILE H 5 -12.48 8.45 3.06
CA ILE H 5 -12.54 8.19 4.49
C ILE H 5 -11.12 8.10 5.00
N GLY H 6 -10.78 8.99 5.92
CA GLY H 6 -9.51 8.96 6.61
C GLY H 6 -9.62 8.12 7.83
N ILE H 7 -8.64 7.26 8.01
CA ILE H 7 -8.62 6.31 9.11
C ILE H 7 -7.42 6.72 9.98
N THR H 8 -7.68 6.94 11.28
CA THR H 8 -6.63 7.28 12.22
C THR H 8 -5.65 6.11 12.41
N ASP H 9 -4.36 6.47 12.43
CA ASP H 9 -3.20 5.59 12.58
C ASP H 9 -3.20 4.52 11.48
N SER H 10 -3.49 4.93 10.25
CA SER H 10 -3.48 4.05 9.09
C SER H 10 -3.09 4.88 7.86
N PRO H 11 -2.08 4.46 7.06
CA PRO H 11 -1.49 5.34 6.04
C PRO H 11 -2.46 5.59 4.87
N ARG H 12 -3.21 4.56 4.46
CA ARG H 12 -4.20 4.56 3.35
C ARG H 12 -5.44 5.39 3.72
N GLU H 13 -5.96 6.12 2.71
CA GLU H 13 -7.18 6.87 2.82
C GLU H 13 -8.12 6.12 1.90
N LEU H 14 -9.23 5.61 2.43
CA LEU H 14 -10.18 4.88 1.61
C LEU H 14 -10.86 5.82 0.66
N VAL H 15 -10.92 5.46 -0.62
CA VAL H 15 -11.54 6.26 -1.64
C VAL H 15 -12.41 5.37 -2.50
N PHE H 16 -13.65 5.78 -2.76
CA PHE H 16 -14.44 5.06 -3.72
C PHE H 16 -15.52 5.93 -4.33
N SER H 17 -16.16 5.41 -5.37
CA SER H 17 -17.29 6.08 -6.01
C SER H 17 -18.61 5.44 -5.55
N SER H 18 -19.53 6.30 -5.08
CA SER H 18 -20.78 5.86 -4.52
C SER H 18 -21.84 6.03 -5.56
N ALA H 19 -22.72 5.03 -5.68
CA ALA H 19 -23.96 5.13 -6.42
C ALA H 19 -25.08 5.79 -5.60
N GLN H 20 -24.83 6.04 -4.31
CA GLN H 20 -25.84 6.63 -3.44
C GLN H 20 -25.74 8.15 -3.47
N THR H 21 -26.67 8.82 -2.78
CA THR H 21 -26.73 10.28 -2.73
C THR H 21 -25.88 10.75 -1.57
N PRO H 22 -25.37 12.00 -1.63
CA PRO H 22 -24.63 12.58 -0.52
C PRO H 22 -25.39 12.38 0.79
N SER H 23 -26.73 12.52 0.77
CA SER H 23 -27.54 12.41 1.98
C SER H 23 -27.56 11.03 2.53
N GLU H 24 -27.67 10.03 1.66
CA GLU H 24 -27.65 8.62 2.11
C GLU H 24 -26.36 8.29 2.84
N VAL H 25 -25.24 8.67 2.23
CA VAL H 25 -23.94 8.40 2.80
C VAL H 25 -23.75 9.17 4.09
N GLU H 26 -24.14 10.46 4.09
CA GLU H 26 -24.06 11.28 5.29
C GLU H 26 -24.86 10.68 6.45
N GLU H 27 -26.10 10.22 6.21
CA GLU H 27 -26.87 9.57 7.23
C GLU H 27 -26.12 8.34 7.76
N LEU H 28 -25.69 7.43 6.88
CA LEU H 28 -24.98 6.22 7.33
C LEU H 28 -23.76 6.55 8.23
N VAL H 29 -22.96 7.52 7.80
CA VAL H 29 -21.78 7.94 8.54
C VAL H 29 -22.13 8.61 9.88
N SER H 30 -23.05 9.58 9.81
CA SER H 30 -23.47 10.36 10.98
C SER H 30 -24.00 9.45 12.03
N ASN H 31 -24.87 8.54 11.63
CA ASN H 31 -25.43 7.57 12.56
C ASN H 31 -24.32 6.78 13.23
N ALA H 32 -23.37 6.26 12.44
CA ALA H 32 -22.27 5.50 13.01
C ALA H 32 -21.51 6.30 14.08
N LEU H 33 -21.07 7.51 13.71
CA LEU H 33 -20.34 8.41 14.60
C LEU H 33 -21.12 8.79 15.87
N ARG H 34 -22.35 9.26 15.67
CA ARG H 34 -23.21 9.66 16.78
C ARG H 34 -23.55 8.51 17.74
N ASP H 35 -23.70 7.30 17.21
CA ASP H 35 -24.04 6.16 18.07
C ASP H 35 -22.84 5.31 18.52
N ASP H 36 -21.61 5.74 18.18
CA ASP H 36 -20.40 4.91 18.40
C ASP H 36 -20.60 3.48 17.92
N SER H 37 -21.17 3.29 16.73
CA SER H 37 -21.56 1.98 16.22
C SER H 37 -20.58 0.83 16.36
N GLY H 38 -19.29 1.09 16.18
CA GLY H 38 -18.36 -0.04 16.16
C GLY H 38 -18.25 -0.81 14.85
N LEU H 39 -19.15 -0.55 13.89
CA LEU H 39 -19.02 -0.94 12.50
C LEU H 39 -19.84 -0.01 11.61
N LEU H 40 -19.20 0.55 10.57
CA LEU H 40 -19.84 1.31 9.53
C LEU H 40 -19.66 0.53 8.21
N THR H 41 -20.76 0.39 7.45
CA THR H 41 -20.72 -0.34 6.19
C THR H 41 -21.10 0.55 5.02
N LEU H 42 -20.18 0.67 4.07
CA LEU H 42 -20.39 1.39 2.83
C LEU H 42 -20.10 0.51 1.61
N THR H 43 -20.91 0.66 0.57
CA THR H 43 -20.73 -0.08 -0.67
C THR H 43 -20.51 0.88 -1.81
N ASP H 44 -19.71 0.48 -2.79
CA ASP H 44 -19.43 1.38 -3.88
C ASP H 44 -20.25 1.01 -5.11
N GLU H 45 -20.07 1.76 -6.20
CA GLU H 45 -20.86 1.57 -7.40
C GLU H 45 -20.63 0.18 -8.04
N ARG H 46 -19.49 -0.47 -7.77
CA ARG H 46 -19.15 -1.80 -8.34
C ARG H 46 -19.54 -2.92 -7.37
N GLY H 47 -20.00 -2.58 -6.15
CA GLY H 47 -20.37 -3.55 -5.14
C GLY H 47 -19.28 -4.01 -4.20
N ARG H 48 -18.14 -3.32 -4.19
CA ARG H 48 -17.10 -3.51 -3.13
C ARG H 48 -17.68 -3.06 -1.80
N ARG H 49 -17.39 -3.81 -0.74
CA ARG H 49 -17.87 -3.53 0.64
C ARG H 49 -16.73 -3.01 1.51
N PHE H 50 -16.92 -1.87 2.14
CA PHE H 50 -16.00 -1.34 3.14
C PHE H 50 -16.68 -1.43 4.47
N LEU H 51 -16.06 -2.22 5.36
CA LEU H 51 -16.47 -2.37 6.74
C LEU H 51 -15.39 -1.65 7.53
N ILE H 52 -15.78 -0.53 8.15
CA ILE H 52 -14.85 0.34 8.85
C ILE H 52 -15.18 0.30 10.31
N HIS H 53 -14.12 0.30 11.14
CA HIS H 53 -14.24 0.32 12.58
C HIS H 53 -14.50 1.77 12.99
N THR H 54 -15.77 2.11 13.31
CA THR H 54 -16.20 3.52 13.45
C THR H 54 -15.23 4.37 14.25
N ALA H 55 -14.76 3.79 15.36
CA ALA H 55 -13.92 4.50 16.30
C ALA H 55 -12.61 4.96 15.67
N ARG H 56 -12.14 4.24 14.66
CA ARG H 56 -10.89 4.53 13.90
C ARG H 56 -11.13 5.58 12.81
N ILE H 57 -12.35 6.06 12.58
CA ILE H 57 -12.58 7.08 11.55
C ILE H 57 -12.09 8.46 12.02
N ALA H 58 -11.25 9.09 11.19
CA ALA H 58 -10.83 10.48 11.38
C ALA H 58 -11.87 11.40 10.76
N TYR H 59 -12.17 11.20 9.48
CA TYR H 59 -13.14 12.03 8.74
C TYR H 59 -13.72 11.25 7.56
N VAL H 60 -14.86 11.71 7.05
CA VAL H 60 -15.35 11.40 5.73
C VAL H 60 -15.57 12.68 4.93
N GLU H 61 -14.98 12.75 3.75
CA GLU H 61 -15.30 13.74 2.72
C GLU H 61 -16.26 13.08 1.71
N ILE H 62 -17.45 13.66 1.58
CA ILE H 62 -18.44 13.29 0.59
C ILE H 62 -18.37 14.36 -0.51
N GLY H 63 -18.12 13.91 -1.74
CA GLY H 63 -18.01 14.78 -2.85
C GLY H 63 -19.34 15.30 -3.27
N VAL H 64 -19.32 16.25 -4.21
CA VAL H 64 -20.49 16.88 -4.82
C VAL H 64 -21.28 15.89 -5.72
N ALA H 65 -22.62 15.99 -5.72
CA ALA H 65 -23.48 14.91 -6.25
C ALA H 65 -23.22 14.65 -7.73
N ASP H 66 -23.51 13.40 -8.16
CA ASP H 66 -23.39 12.87 -9.56
C ASP H 66 -22.19 11.89 -9.62
#